data_7X5R
#
_entry.id   7X5R
#
_cell.length_a   76.555
_cell.length_b   83.558
_cell.length_c   61.658
_cell.angle_alpha   90.00
_cell.angle_beta   100.89
_cell.angle_gamma   90.00
#
_symmetry.space_group_name_H-M   'C 1 2 1'
#
loop_
_entity.id
_entity.type
_entity.pdbx_description
1 polymer '4-hydroxyphenylpyruvate dioxygenase'
2 non-polymer 'COBALT (II) ION'
3 non-polymer (1R,3R)-2-[(S)-[2-chloranyl-3-[2-(1,3-dioxolan-2-yl)ethoxy]-4-methylsulfonyl-phenyl]-oxidanyl-methyl]cyclohexane-1,3-diol
4 non-polymer BICINE
5 non-polymer (4S)-2-METHYL-2,4-PENTANEDIOL
6 water water
#
_entity_poly.entity_id   1
_entity_poly.type   'polypeptide(L)'
_entity_poly.pdbx_seq_one_letter_code
;GSHMVRKNPKSDKFKVKRFHHIEFWCGDATNVARRFSWGLGMRFSAKSDLSTGNMVHASYLLTSGDLRFLFTAPYSPSLS
AGEIKPTTTASIPSFDHGSCRSFFSSHGLGVRAVAIEVEDAESAFSISVANGAIPSSPPIVLNEAVTIAEVKLYGDVVLR
YVSYKAEDTEKSEFLPGFERVEDASSFPLDYGIRRLDHAVGNVPELGPALTYVAGFTGFHQFAEFTADDVGTAESGLNSA
VLASNDEMVLLPINEPVHGTKRKSQIQTYLEHNEGAGLQHLALMSEDIFRTLREMRKRSSIGGFDFMPSPPPTYYQNLKK
RVGDVLSDDQIKECEELGILVDRDDQGTLLQIFTKPLGDRPTIFIEIIQRVGCMMKDEEGKAYQSGGCGGFGKGNFSELF
KSIEEYEKTLEAKQLVG
;
_entity_poly.pdbx_strand_id   A
#
loop_
_chem_comp.id
_chem_comp.type
_chem_comp.name
_chem_comp.formula
9P5 non-polymer (1R,3R)-2-[(S)-[2-chloranyl-3-[2-(1,3-dioxolan-2-yl)ethoxy]-4-methylsulfonyl-phenyl]-oxidanyl-methyl]cyclohexane-1,3-diol 'C19 H27 Cl O8 S'
BCN non-polymer BICINE 'C6 H13 N O4'
CO non-polymer 'COBALT (II) ION' 'Co 2'
MPD non-polymer (4S)-2-METHYL-2,4-PENTANEDIOL 'C6 H14 O2'
#
# COMPACT_ATOMS: atom_id res chain seq x y z
N LYS A 7 -9.40 7.06 -21.57
CA LYS A 7 -10.70 7.66 -21.28
C LYS A 7 -11.06 7.50 -19.81
N ASN A 8 -11.67 8.55 -19.25
CA ASN A 8 -12.13 8.54 -17.87
C ASN A 8 -13.62 8.83 -17.87
N PRO A 9 -14.47 7.79 -17.72
CA PRO A 9 -15.93 8.02 -17.69
C PRO A 9 -16.42 8.67 -16.40
N LYS A 10 -15.58 8.76 -15.37
CA LYS A 10 -15.92 9.42 -14.12
C LYS A 10 -17.22 8.86 -13.54
N SER A 11 -17.20 7.54 -13.29
CA SER A 11 -18.40 6.79 -12.93
C SER A 11 -18.44 6.39 -11.47
N ASP A 12 -17.66 7.03 -10.59
CA ASP A 12 -17.72 6.73 -9.16
C ASP A 12 -19.16 6.81 -8.66
N LYS A 13 -19.57 5.80 -7.90
CA LYS A 13 -20.94 5.75 -7.41
C LYS A 13 -21.13 6.55 -6.13
N PHE A 14 -20.05 7.04 -5.53
CA PHE A 14 -20.11 7.96 -4.39
C PHE A 14 -18.85 8.81 -4.43
N LYS A 15 -18.84 9.87 -3.63
CA LYS A 15 -17.74 10.83 -3.63
C LYS A 15 -16.57 10.26 -2.86
N VAL A 16 -15.46 10.01 -3.55
CA VAL A 16 -14.23 9.49 -2.97
C VAL A 16 -13.21 10.62 -2.96
N LYS A 17 -12.49 10.77 -1.85
CA LYS A 17 -11.48 11.83 -1.77
C LYS A 17 -10.08 11.25 -2.02
N ARG A 18 -9.40 10.76 -0.99
CA ARG A 18 -8.04 10.26 -1.16
C ARG A 18 -7.87 9.01 -0.32
N PHE A 19 -6.78 8.30 -0.57
CA PHE A 19 -6.33 7.30 0.41
C PHE A 19 -6.20 7.95 1.78
N HIS A 20 -6.68 7.25 2.81
CA HIS A 20 -6.64 7.76 4.16
C HIS A 20 -5.61 7.06 5.03
N HIS A 21 -5.67 5.73 5.11
CA HIS A 21 -4.68 5.01 5.91
C HIS A 21 -4.66 3.55 5.49
N ILE A 22 -3.63 2.84 5.93
CA ILE A 22 -3.49 1.42 5.71
C ILE A 22 -3.36 0.80 7.09
N GLU A 23 -4.12 -0.25 7.37
CA GLU A 23 -4.02 -0.92 8.67
C GLU A 23 -3.41 -2.31 8.49
N PHE A 24 -2.33 -2.56 9.23
CA PHE A 24 -1.73 -3.87 9.36
C PHE A 24 -2.30 -4.58 10.57
N TRP A 25 -2.65 -5.85 10.40
CA TRP A 25 -2.98 -6.70 11.54
C TRP A 25 -1.74 -7.51 11.89
N CYS A 26 -1.36 -7.44 13.17
CA CYS A 26 -0.08 -7.86 13.70
C CYS A 26 -0.28 -8.86 14.82
N GLY A 27 0.80 -9.59 15.12
CA GLY A 27 0.85 -10.33 16.36
C GLY A 27 1.18 -9.40 17.51
N ASP A 28 2.23 -8.60 17.34
CA ASP A 28 2.64 -7.60 18.31
C ASP A 28 2.77 -6.27 17.58
N ALA A 29 1.86 -5.34 17.85
CA ALA A 29 1.85 -4.07 17.11
C ALA A 29 3.05 -3.21 17.46
N THR A 30 3.49 -3.26 18.72
CA THR A 30 4.61 -2.44 19.18
C THR A 30 5.86 -2.71 18.36
N ASN A 31 6.23 -3.98 18.21
CA ASN A 31 7.49 -4.28 17.54
C ASN A 31 7.39 -3.99 16.03
N VAL A 32 6.25 -4.30 15.41
CA VAL A 32 6.14 -3.98 14.00
C VAL A 32 6.16 -2.47 13.79
N ALA A 33 5.41 -1.74 14.61
CA ALA A 33 5.37 -0.29 14.44
C ALA A 33 6.75 0.35 14.64
N ARG A 34 7.49 -0.10 15.65
CA ARG A 34 8.82 0.48 15.88
C ARG A 34 9.77 0.15 14.74
N ARG A 35 9.72 -1.09 14.23
CA ARG A 35 10.55 -1.45 13.08
C ARG A 35 10.22 -0.57 11.88
N PHE A 36 8.92 -0.42 11.57
CA PHE A 36 8.51 0.36 10.40
C PHE A 36 8.87 1.83 10.56
N SER A 37 8.72 2.37 11.77
CA SER A 37 9.05 3.78 12.03
C SER A 37 10.49 4.07 11.65
N TRP A 38 11.41 3.26 12.14
CA TRP A 38 12.83 3.44 11.86
C TRP A 38 13.16 3.16 10.39
N GLY A 39 12.58 2.09 9.83
CA GLY A 39 12.91 1.71 8.47
C GLY A 39 12.41 2.68 7.40
N LEU A 40 11.25 3.30 7.62
CA LEU A 40 10.60 4.17 6.63
C LEU A 40 10.64 5.64 6.98
N GLY A 41 11.05 5.99 8.20
CA GLY A 41 11.12 7.38 8.61
C GLY A 41 9.75 7.95 8.86
N MET A 42 8.94 7.22 9.61
CA MET A 42 7.61 7.66 9.96
C MET A 42 7.56 7.94 11.46
N ARG A 43 6.82 8.97 11.83
CA ARG A 43 6.73 9.39 13.21
C ARG A 43 5.56 8.71 13.90
N PHE A 44 5.76 8.36 15.17
CA PHE A 44 4.62 7.94 15.99
C PHE A 44 3.73 9.13 16.28
N SER A 45 2.47 9.07 15.84
CA SER A 45 1.60 10.22 15.94
C SER A 45 0.34 10.00 16.76
N ALA A 46 -0.14 8.77 16.92
CA ALA A 46 -1.34 8.55 17.72
C ALA A 46 -1.31 7.13 18.27
N LYS A 47 -2.05 6.91 19.37
CA LYS A 47 -2.14 5.58 19.96
C LYS A 47 -3.52 5.35 20.54
N SER A 48 -3.92 4.09 20.56
CA SER A 48 -5.11 3.65 21.30
C SER A 48 -4.74 2.30 21.90
N ASP A 49 -4.65 2.23 23.23
CA ASP A 49 -4.15 1.01 23.87
C ASP A 49 -4.55 1.04 25.34
N LEU A 50 -3.92 0.19 26.15
CA LEU A 50 -4.27 0.15 27.57
C LEU A 50 -4.16 1.51 28.22
N SER A 51 -3.17 2.30 27.81
CA SER A 51 -2.94 3.61 28.43
C SER A 51 -3.99 4.63 28.06
N THR A 52 -4.80 4.37 27.03
CA THR A 52 -5.91 5.25 26.66
C THR A 52 -7.25 4.61 27.00
N GLY A 53 -7.25 3.52 27.75
CA GLY A 53 -8.47 2.87 28.19
C GLY A 53 -9.01 1.79 27.26
N ASN A 54 -8.28 1.47 26.19
CA ASN A 54 -8.69 0.41 25.27
C ASN A 54 -8.22 -0.94 25.81
N MET A 55 -9.16 -1.77 26.26
CA MET A 55 -8.88 -3.10 26.80
C MET A 55 -8.93 -4.18 25.75
N VAL A 56 -9.20 -3.83 24.50
CA VAL A 56 -9.46 -4.79 23.44
C VAL A 56 -8.26 -4.97 22.52
N HIS A 57 -7.75 -3.87 21.98
CA HIS A 57 -6.66 -3.94 21.01
C HIS A 57 -5.66 -2.82 21.25
N ALA A 58 -4.43 -3.08 20.84
CA ALA A 58 -3.37 -2.09 20.78
C ALA A 58 -3.25 -1.61 19.35
N SER A 59 -3.34 -0.29 19.14
CA SER A 59 -3.24 0.29 17.80
C SER A 59 -2.33 1.49 17.86
N TYR A 60 -1.31 1.51 16.99
CA TYR A 60 -0.34 2.59 16.93
C TYR A 60 -0.31 3.15 15.52
N LEU A 61 -0.34 4.48 15.42
CA LEU A 61 -0.38 5.17 14.14
C LEU A 61 0.96 5.83 13.86
N LEU A 62 1.53 5.52 12.69
CA LEU A 62 2.71 6.19 12.16
C LEU A 62 2.31 7.10 11.01
N THR A 63 2.97 8.26 10.88
CA THR A 63 2.67 9.15 9.77
C THR A 63 3.94 9.67 9.13
N SER A 64 3.88 9.89 7.83
CA SER A 64 4.92 10.63 7.12
C SER A 64 4.19 11.45 6.07
N GLY A 65 4.15 12.77 6.24
CA GLY A 65 3.30 13.58 5.37
C GLY A 65 1.86 13.14 5.53
N ASP A 66 1.21 12.80 4.41
CA ASP A 66 -0.17 12.34 4.43
C ASP A 66 -0.28 10.82 4.49
N LEU A 67 0.85 10.11 4.49
CA LEU A 67 0.81 8.66 4.64
C LEU A 67 0.55 8.28 6.09
N ARG A 68 -0.42 7.38 6.30
CA ARG A 68 -0.79 6.92 7.63
C ARG A 68 -0.79 5.41 7.64
N PHE A 69 0.06 4.83 8.47
CA PHE A 69 0.15 3.39 8.68
C PHE A 69 -0.33 3.10 10.10
N LEU A 70 -1.33 2.22 10.22
CA LEU A 70 -1.87 1.81 11.50
C LEU A 70 -1.47 0.36 11.76
N PHE A 71 -1.00 0.07 12.97
CA PHE A 71 -0.60 -1.29 13.37
C PHE A 71 -1.44 -1.70 14.56
N THR A 72 -2.15 -2.82 14.42
CA THR A 72 -3.10 -3.23 15.44
C THR A 72 -2.90 -4.69 15.80
N ALA A 73 -2.98 -5.00 17.09
CA ALA A 73 -2.91 -6.37 17.61
C ALA A 73 -3.91 -6.54 18.76
N PRO A 74 -4.40 -7.75 18.97
CA PRO A 74 -5.37 -7.97 20.06
C PRO A 74 -4.68 -8.23 21.39
N TYR A 75 -5.30 -7.75 22.46
CA TYR A 75 -4.92 -8.16 23.81
C TYR A 75 -5.57 -9.51 24.12
N SER A 76 -5.27 -10.06 25.29
CA SER A 76 -6.02 -11.22 25.77
C SER A 76 -7.51 -10.89 25.81
N PRO A 77 -8.38 -11.74 25.23
CA PRO A 77 -9.82 -11.48 25.36
C PRO A 77 -10.30 -11.38 26.80
N SER A 78 -9.55 -11.94 27.76
CA SER A 78 -10.01 -11.89 29.14
C SER A 78 -10.08 -10.48 29.68
N LEU A 79 -9.29 -9.54 29.14
CA LEU A 79 -9.34 -8.16 29.63
C LEU A 79 -10.66 -7.48 29.33
N SER A 80 -11.38 -7.91 28.30
CA SER A 80 -12.62 -7.29 27.87
C SER A 80 -13.78 -8.27 27.91
N ALA A 81 -13.65 -9.36 28.68
CA ALA A 81 -14.63 -10.44 28.58
C ALA A 81 -16.00 -10.00 29.04
N GLY A 82 -16.08 -8.99 29.89
CA GLY A 82 -17.38 -8.48 30.31
C GLY A 82 -17.99 -7.45 29.41
N GLU A 83 -17.27 -6.98 28.39
CA GLU A 83 -17.82 -5.98 27.47
C GLU A 83 -18.75 -6.65 26.46
N ILE A 84 -19.65 -5.83 25.92
CA ILE A 84 -20.39 -6.15 24.70
C ILE A 84 -20.17 -4.99 23.74
N LYS A 85 -20.55 -5.18 22.49
CA LYS A 85 -20.33 -4.10 21.53
C LYS A 85 -20.88 -2.76 22.01
N PRO A 86 -22.08 -2.68 22.58
CA PRO A 86 -22.57 -1.39 23.11
C PRO A 86 -21.72 -0.80 24.23
N THR A 87 -20.90 -1.59 24.91
CA THR A 87 -20.07 -1.09 26.01
C THR A 87 -18.57 -1.22 25.72
N THR A 88 -18.21 -1.36 24.44
CA THR A 88 -16.81 -1.69 24.11
C THR A 88 -15.86 -0.55 24.44
N THR A 89 -14.63 -0.92 24.79
CA THR A 89 -13.55 0.05 24.90
C THR A 89 -12.66 0.06 23.66
N ALA A 90 -12.97 -0.76 22.65
CA ALA A 90 -12.28 -0.68 21.38
C ALA A 90 -12.52 0.68 20.74
N SER A 91 -11.48 1.24 20.13
CA SER A 91 -11.60 2.47 19.36
C SER A 91 -11.92 2.23 17.90
N ILE A 92 -11.69 1.01 17.42
CA ILE A 92 -12.05 0.63 16.06
C ILE A 92 -13.16 -0.39 16.16
N PRO A 93 -14.43 0.01 15.97
CA PRO A 93 -15.54 -0.89 16.31
C PRO A 93 -15.60 -2.14 15.46
N SER A 94 -14.98 -2.17 14.29
CA SER A 94 -14.93 -3.37 13.46
C SER A 94 -13.95 -4.41 13.99
N PHE A 95 -13.10 -4.08 14.96
CA PHE A 95 -12.11 -5.05 15.41
C PHE A 95 -12.76 -6.22 16.14
N ASP A 96 -12.24 -7.41 15.90
CA ASP A 96 -12.68 -8.63 16.58
C ASP A 96 -11.45 -9.48 16.88
N HIS A 97 -11.32 -9.95 18.14
CA HIS A 97 -10.17 -10.76 18.53
C HIS A 97 -10.02 -11.97 17.62
N GLY A 98 -11.11 -12.71 17.41
CA GLY A 98 -11.04 -13.93 16.62
C GLY A 98 -10.68 -13.68 15.17
N SER A 99 -11.28 -12.65 14.56
CA SER A 99 -10.97 -12.31 13.18
C SER A 99 -9.49 -11.97 13.03
N CYS A 100 -8.96 -11.18 13.96
CA CYS A 100 -7.57 -10.75 13.87
C CYS A 100 -6.61 -11.92 14.05
N ARG A 101 -6.85 -12.76 15.05
CA ARG A 101 -5.99 -13.94 15.23
C ARG A 101 -6.09 -14.87 14.03
N SER A 102 -7.30 -15.07 13.50
CA SER A 102 -7.45 -15.96 12.35
C SER A 102 -6.77 -15.38 11.11
N PHE A 103 -6.96 -14.09 10.86
CA PHE A 103 -6.26 -13.40 9.78
C PHE A 103 -4.75 -13.62 9.88
N PHE A 104 -4.18 -13.33 11.04
CA PHE A 104 -2.74 -13.41 11.19
C PHE A 104 -2.26 -14.86 11.11
N SER A 105 -2.98 -15.79 11.73
CA SER A 105 -2.61 -17.21 11.58
C SER A 105 -2.60 -17.63 10.13
N SER A 106 -3.59 -17.20 9.36
CA SER A 106 -3.71 -17.65 7.98
C SER A 106 -2.69 -16.99 7.08
N HIS A 107 -2.56 -15.65 7.19
CA HIS A 107 -1.81 -14.89 6.19
C HIS A 107 -0.46 -14.38 6.68
N GLY A 108 -0.21 -14.39 7.99
CA GLY A 108 0.94 -13.69 8.55
C GLY A 108 0.72 -12.18 8.50
N LEU A 109 1.80 -11.45 8.81
CA LEU A 109 1.76 -9.99 8.85
C LEU A 109 1.35 -9.41 7.52
N GLY A 110 0.36 -8.53 7.53
CA GLY A 110 -0.09 -7.98 6.27
C GLY A 110 -1.21 -6.99 6.47
N VAL A 111 -1.71 -6.48 5.34
CA VAL A 111 -2.69 -5.41 5.36
C VAL A 111 -4.07 -6.01 5.52
N ARG A 112 -4.77 -5.60 6.58
CA ARG A 112 -6.18 -5.92 6.75
C ARG A 112 -7.08 -4.91 6.05
N ALA A 113 -6.75 -3.60 6.14
CA ALA A 113 -7.65 -2.57 5.62
C ALA A 113 -6.92 -1.57 4.75
N VAL A 114 -7.50 -1.32 3.57
CA VAL A 114 -7.13 -0.21 2.71
C VAL A 114 -8.23 0.83 2.91
N ALA A 115 -7.91 1.95 3.55
CA ALA A 115 -8.92 2.92 3.95
C ALA A 115 -8.87 4.13 3.02
N ILE A 116 -10.03 4.52 2.51
CA ILE A 116 -10.15 5.73 1.70
C ILE A 116 -11.10 6.68 2.41
N GLU A 117 -10.78 7.98 2.35
CA GLU A 117 -11.68 8.98 2.89
C GLU A 117 -12.74 9.29 1.84
N VAL A 118 -14.00 9.32 2.27
CA VAL A 118 -15.13 9.59 1.40
C VAL A 118 -15.94 10.73 1.98
N GLU A 119 -16.88 11.22 1.18
CA GLU A 119 -17.79 12.26 1.63
C GLU A 119 -18.66 11.79 2.80
N ASP A 120 -19.18 10.56 2.70
CA ASP A 120 -20.15 10.04 3.66
C ASP A 120 -20.00 8.53 3.68
N ALA A 121 -19.39 8.00 4.74
CA ALA A 121 -19.11 6.57 4.80
C ALA A 121 -20.38 5.74 4.88
N GLU A 122 -21.43 6.26 5.52
CA GLU A 122 -22.68 5.51 5.56
C GLU A 122 -23.29 5.39 4.16
N SER A 123 -23.30 6.50 3.42
CA SER A 123 -23.81 6.43 2.05
C SER A 123 -22.91 5.59 1.16
N ALA A 124 -21.58 5.76 1.28
CA ALA A 124 -20.67 4.91 0.51
C ALA A 124 -20.91 3.43 0.79
N PHE A 125 -21.10 3.08 2.05
CA PHE A 125 -21.36 1.68 2.39
C PHE A 125 -22.67 1.20 1.77
N SER A 126 -23.73 1.99 1.93
CA SER A 126 -25.04 1.59 1.42
C SER A 126 -25.01 1.44 -0.10
N ILE A 127 -24.47 2.43 -0.81
CA ILE A 127 -24.36 2.35 -2.26
C ILE A 127 -23.51 1.16 -2.67
N SER A 128 -22.38 0.94 -1.98
CA SER A 128 -21.51 -0.18 -2.35
C SER A 128 -22.24 -1.51 -2.23
N VAL A 129 -22.91 -1.74 -1.10
CA VAL A 129 -23.60 -3.02 -0.89
C VAL A 129 -24.76 -3.17 -1.86
N ALA A 130 -25.47 -2.06 -2.14
CA ALA A 130 -26.54 -2.10 -3.13
C ALA A 130 -26.02 -2.48 -4.51
N ASN A 131 -24.73 -2.26 -4.76
CA ASN A 131 -24.11 -2.57 -6.04
C ASN A 131 -23.17 -3.77 -5.97
N GLY A 132 -23.37 -4.68 -5.00
CA GLY A 132 -22.71 -5.97 -4.99
C GLY A 132 -21.63 -6.16 -3.94
N ALA A 133 -21.22 -5.09 -3.25
CA ALA A 133 -20.17 -5.25 -2.25
C ALA A 133 -20.61 -6.17 -1.13
N ILE A 134 -19.71 -7.04 -0.67
CA ILE A 134 -19.98 -7.92 0.46
C ILE A 134 -19.70 -7.12 1.72
N PRO A 135 -20.70 -6.91 2.58
CA PRO A 135 -20.47 -6.08 3.76
C PRO A 135 -19.53 -6.79 4.73
N SER A 136 -18.69 -6.00 5.37
CA SER A 136 -17.80 -6.54 6.39
C SER A 136 -18.04 -5.94 7.76
N SER A 137 -18.23 -4.62 7.85
CA SER A 137 -18.55 -3.93 9.08
C SER A 137 -19.48 -2.78 8.75
N PRO A 138 -20.62 -2.65 9.44
CA PRO A 138 -21.59 -1.62 9.08
C PRO A 138 -21.12 -0.25 9.50
N PRO A 139 -21.74 0.81 8.97
CA PRO A 139 -21.34 2.17 9.37
C PRO A 139 -21.57 2.38 10.85
N ILE A 140 -20.54 2.88 11.51
CA ILE A 140 -20.60 3.21 12.94
C ILE A 140 -20.10 4.62 13.10
N VAL A 141 -20.86 5.44 13.82
CA VAL A 141 -20.51 6.84 14.05
C VAL A 141 -19.79 6.94 15.38
N LEU A 142 -18.58 7.48 15.34
CA LEU A 142 -17.72 7.59 16.50
C LEU A 142 -17.79 9.03 17.01
N ASN A 143 -18.27 9.20 18.24
CA ASN A 143 -18.29 10.50 18.92
C ASN A 143 -18.98 11.58 18.08
N GLU A 144 -20.00 11.18 17.32
CA GLU A 144 -20.74 12.08 16.43
C GLU A 144 -19.81 12.90 15.54
N ALA A 145 -18.68 12.31 15.15
CA ALA A 145 -17.64 13.07 14.48
C ALA A 145 -17.07 12.36 13.26
N VAL A 146 -16.90 11.04 13.32
CA VAL A 146 -16.29 10.28 12.26
C VAL A 146 -17.14 9.04 12.01
N THR A 147 -17.34 8.70 10.75
CA THR A 147 -18.07 7.48 10.40
C THR A 147 -17.13 6.52 9.70
N ILE A 148 -17.19 5.26 10.09
CA ILE A 148 -16.33 4.22 9.53
C ILE A 148 -17.21 3.04 9.13
N ALA A 149 -16.91 2.44 7.97
CA ALA A 149 -17.62 1.28 7.46
C ALA A 149 -16.65 0.48 6.60
N GLU A 150 -16.94 -0.82 6.44
CA GLU A 150 -16.02 -1.71 5.73
C GLU A 150 -16.77 -2.69 4.84
N VAL A 151 -16.26 -2.88 3.62
CA VAL A 151 -16.72 -3.93 2.72
C VAL A 151 -15.52 -4.77 2.28
N LYS A 152 -15.80 -6.00 1.84
CA LYS A 152 -14.72 -6.87 1.39
C LYS A 152 -14.12 -6.37 0.07
N LEU A 153 -12.79 -6.37 -0.02
CA LEU A 153 -12.09 -5.96 -1.23
C LEU A 153 -11.61 -7.19 -2.03
N TYR A 154 -10.71 -7.98 -1.44
CA TYR A 154 -10.30 -9.26 -1.98
C TYR A 154 -9.68 -10.04 -0.83
N GLY A 155 -9.76 -11.37 -0.90
CA GLY A 155 -9.26 -12.17 0.20
C GLY A 155 -9.87 -11.72 1.52
N ASP A 156 -9.02 -11.56 2.53
CA ASP A 156 -9.45 -11.04 3.82
C ASP A 156 -9.07 -9.56 4.00
N VAL A 157 -8.83 -8.85 2.90
CA VAL A 157 -8.59 -7.42 2.90
C VAL A 157 -9.93 -6.71 2.75
N VAL A 158 -10.13 -5.65 3.52
CA VAL A 158 -11.34 -4.85 3.42
C VAL A 158 -10.98 -3.47 2.87
N LEU A 159 -11.95 -2.90 2.14
CA LEU A 159 -11.96 -1.49 1.79
C LEU A 159 -12.74 -0.74 2.87
N ARG A 160 -12.05 0.13 3.59
CA ARG A 160 -12.64 0.84 4.72
C ARG A 160 -12.97 2.26 4.27
N TYR A 161 -14.20 2.69 4.51
CA TYR A 161 -14.62 4.06 4.24
C TYR A 161 -14.57 4.86 5.54
N VAL A 162 -13.97 6.05 5.49
CA VAL A 162 -13.96 6.96 6.62
C VAL A 162 -14.44 8.33 6.14
N SER A 163 -15.33 8.95 6.91
CA SER A 163 -15.79 10.29 6.59
C SER A 163 -15.81 11.12 7.87
N TYR A 164 -15.46 12.40 7.74
CA TYR A 164 -15.32 13.29 8.89
C TYR A 164 -16.33 14.41 8.78
N LYS A 165 -17.04 14.68 9.89
CA LYS A 165 -17.90 15.85 9.92
C LYS A 165 -17.07 17.12 9.76
N ALA A 166 -15.94 17.19 10.44
CA ALA A 166 -15.08 18.37 10.34
C ALA A 166 -13.89 18.08 9.44
N GLU A 173 -7.20 13.58 16.06
CA GLU A 173 -7.71 13.88 14.73
C GLU A 173 -7.75 12.66 13.81
N PHE A 174 -7.11 11.55 14.21
CA PHE A 174 -7.22 10.31 13.43
C PHE A 174 -8.59 9.68 13.62
N LEU A 175 -8.85 9.18 14.81
CA LEU A 175 -10.15 8.62 15.18
C LEU A 175 -10.41 8.98 16.63
N PRO A 176 -11.67 9.19 17.00
CA PRO A 176 -11.98 9.38 18.43
C PRO A 176 -11.49 8.18 19.23
N GLY A 177 -11.03 8.45 20.44
CA GLY A 177 -10.44 7.42 21.26
C GLY A 177 -8.94 7.26 21.11
N PHE A 178 -8.37 7.77 20.03
CA PHE A 178 -6.92 7.81 19.87
C PHE A 178 -6.37 9.06 20.54
N GLU A 179 -5.21 8.91 21.16
CA GLU A 179 -4.53 10.04 21.79
C GLU A 179 -3.29 10.39 20.99
N ARG A 180 -3.04 11.68 20.82
CA ARG A 180 -1.79 12.12 20.24
C ARG A 180 -0.63 11.67 21.12
N VAL A 181 0.50 11.39 20.50
CA VAL A 181 1.62 10.79 21.21
C VAL A 181 2.52 11.90 21.76
N GLU A 182 2.82 11.80 23.05
CA GLU A 182 3.69 12.78 23.71
C GLU A 182 5.03 12.85 23.02
N ASP A 183 5.43 14.08 22.65
CA ASP A 183 6.53 14.28 21.71
C ASP A 183 7.84 13.63 22.15
N ALA A 184 7.98 13.26 23.43
CA ALA A 184 9.17 12.54 23.86
C ALA A 184 9.25 11.19 23.16
N SER A 185 8.12 10.50 23.05
CA SER A 185 8.05 9.25 22.32
C SER A 185 7.91 9.45 20.82
N SER A 186 7.69 10.69 20.37
CA SER A 186 7.51 11.02 18.96
C SER A 186 8.77 11.73 18.48
N PHE A 187 9.69 10.95 17.97
CA PHE A 187 10.88 11.48 17.31
C PHE A 187 10.52 11.89 15.89
N PRO A 188 10.89 13.09 15.45
CA PRO A 188 10.37 13.59 14.17
C PRO A 188 11.15 13.07 12.97
N LEU A 189 11.19 11.74 12.83
CA LEU A 189 11.80 11.13 11.65
C LEU A 189 11.06 11.54 10.38
N ASP A 190 11.82 11.63 9.29
CA ASP A 190 11.25 11.94 7.98
C ASP A 190 12.28 11.66 6.91
N TYR A 191 12.06 10.64 6.07
CA TYR A 191 12.96 10.37 4.96
C TYR A 191 12.40 10.83 3.62
N GLY A 192 11.28 11.55 3.62
CA GLY A 192 10.74 12.13 2.40
C GLY A 192 9.44 11.52 1.92
N ILE A 193 8.95 10.43 2.53
CA ILE A 193 7.72 9.82 2.07
C ILE A 193 6.54 10.72 2.42
N ARG A 194 5.57 10.85 1.49
CA ARG A 194 4.51 11.83 1.67
C ARG A 194 3.09 11.32 1.48
N ARG A 195 2.87 10.26 0.69
CA ARG A 195 1.51 9.76 0.54
C ARG A 195 1.51 8.37 -0.08
N LEU A 196 0.37 7.69 0.07
CA LEU A 196 0.16 6.42 -0.60
C LEU A 196 -0.23 6.68 -2.06
N ASP A 197 0.54 6.13 -2.98
CA ASP A 197 0.26 6.30 -4.41
C ASP A 197 -0.70 5.24 -4.92
N HIS A 198 -0.44 3.97 -4.61
CA HIS A 198 -1.36 2.90 -5.01
C HIS A 198 -1.16 1.71 -4.09
N ALA A 199 -2.16 0.83 -4.09
CA ALA A 199 -2.19 -0.36 -3.26
C ALA A 199 -2.66 -1.50 -4.15
N VAL A 200 -1.91 -2.59 -4.19
CA VAL A 200 -2.01 -3.62 -5.21
C VAL A 200 -2.38 -4.95 -4.58
N GLY A 201 -3.39 -5.61 -5.12
CA GLY A 201 -3.80 -6.93 -4.64
C GLY A 201 -3.40 -8.02 -5.61
N ASN A 202 -3.10 -9.20 -5.06
CA ASN A 202 -2.92 -10.42 -5.85
C ASN A 202 -4.15 -11.29 -5.64
N VAL A 203 -4.73 -11.77 -6.72
CA VAL A 203 -5.94 -12.60 -6.67
C VAL A 203 -5.74 -13.80 -7.57
N PRO A 204 -6.48 -14.88 -7.34
CA PRO A 204 -6.40 -16.03 -8.27
C PRO A 204 -6.98 -15.73 -9.64
N GLU A 205 -8.03 -14.91 -9.72
CA GLU A 205 -8.75 -14.65 -10.97
C GLU A 205 -9.01 -13.16 -11.10
N LEU A 206 -8.32 -12.52 -12.06
CA LEU A 206 -8.40 -11.07 -12.22
C LEU A 206 -9.79 -10.62 -12.67
N GLY A 207 -10.38 -11.29 -13.66
CA GLY A 207 -11.65 -10.89 -14.22
C GLY A 207 -12.74 -10.68 -13.20
N PRO A 208 -13.06 -11.71 -12.42
CA PRO A 208 -14.10 -11.55 -11.39
C PRO A 208 -13.75 -10.52 -10.33
N ALA A 209 -12.47 -10.42 -9.96
CA ALA A 209 -12.06 -9.41 -8.99
C ALA A 209 -12.34 -8.01 -9.50
N LEU A 210 -11.97 -7.74 -10.75
CA LEU A 210 -12.21 -6.43 -11.35
C LEU A 210 -13.70 -6.15 -11.44
N THR A 211 -14.48 -7.12 -11.94
CA THR A 211 -15.91 -6.95 -12.07
C THR A 211 -16.57 -6.63 -10.73
N TYR A 212 -16.13 -7.33 -9.68
CA TYR A 212 -16.67 -7.10 -8.35
C TYR A 212 -16.36 -5.69 -7.86
N VAL A 213 -15.07 -5.31 -7.85
CA VAL A 213 -14.69 -4.02 -7.28
C VAL A 213 -15.21 -2.87 -8.13
N ALA A 214 -15.00 -2.92 -9.44
CA ALA A 214 -15.55 -1.87 -10.29
C ALA A 214 -17.07 -1.86 -10.21
N GLY A 215 -17.67 -3.03 -10.00
CA GLY A 215 -19.13 -3.09 -9.87
C GLY A 215 -19.66 -2.24 -8.73
N PHE A 216 -19.02 -2.32 -7.55
CA PHE A 216 -19.60 -1.63 -6.40
C PHE A 216 -19.02 -0.24 -6.15
N THR A 217 -17.88 0.10 -6.76
CA THR A 217 -17.32 1.45 -6.58
C THR A 217 -17.68 2.40 -7.71
N GLY A 218 -17.89 1.87 -8.92
CA GLY A 218 -17.89 2.68 -10.09
C GLY A 218 -16.50 3.09 -10.56
N PHE A 219 -15.44 2.58 -9.94
CA PHE A 219 -14.10 2.88 -10.39
C PHE A 219 -13.90 2.39 -11.82
N HIS A 220 -13.19 3.19 -12.62
CA HIS A 220 -12.95 2.85 -14.02
C HIS A 220 -11.56 2.26 -14.21
N GLN A 221 -11.36 1.62 -15.36
CA GLN A 221 -10.07 1.05 -15.70
C GLN A 221 -9.11 2.15 -16.11
N PHE A 222 -7.99 2.25 -15.40
CA PHE A 222 -6.97 3.26 -15.69
C PHE A 222 -6.18 2.85 -16.93
N ALA A 223 -5.98 3.80 -17.84
CA ALA A 223 -5.38 3.52 -19.14
C ALA A 223 -3.92 3.13 -19.00
N GLU A 224 -3.56 1.98 -19.57
CA GLU A 224 -2.22 1.42 -19.46
C GLU A 224 -1.43 1.71 -20.74
N PHE A 225 -0.38 2.53 -20.60
CA PHE A 225 0.58 2.79 -21.68
C PHE A 225 -0.05 3.10 -23.03
N GLU A 234 5.92 -15.07 -19.69
CA GLU A 234 7.07 -14.17 -19.62
C GLU A 234 7.02 -13.34 -18.34
N SER A 235 5.97 -12.53 -18.20
CA SER A 235 5.80 -11.75 -16.98
C SER A 235 5.28 -12.60 -15.83
N GLY A 236 4.50 -13.63 -16.13
CA GLY A 236 3.86 -14.44 -15.11
C GLY A 236 2.61 -13.85 -14.52
N LEU A 237 2.12 -12.72 -15.05
CA LEU A 237 0.94 -12.08 -14.49
C LEU A 237 0.15 -11.36 -15.57
N ASN A 238 -1.13 -11.17 -15.28
CA ASN A 238 -1.96 -10.16 -15.92
C ASN A 238 -2.40 -9.18 -14.85
N SER A 239 -2.47 -7.91 -15.22
CA SER A 239 -2.87 -6.90 -14.25
C SER A 239 -3.73 -5.83 -14.92
N ALA A 240 -4.54 -5.19 -14.10
CA ALA A 240 -5.33 -4.04 -14.51
C ALA A 240 -5.47 -3.13 -13.31
N VAL A 241 -5.80 -1.87 -13.55
CA VAL A 241 -5.81 -0.85 -12.52
C VAL A 241 -7.18 -0.19 -12.48
N LEU A 242 -7.81 -0.20 -11.32
CA LEU A 242 -9.05 0.56 -11.10
C LEU A 242 -8.72 1.91 -10.49
N ALA A 243 -9.48 2.94 -10.88
CA ALA A 243 -9.18 4.31 -10.48
C ALA A 243 -10.46 5.07 -10.15
N SER A 244 -10.35 5.97 -9.17
CA SER A 244 -11.44 6.87 -8.82
C SER A 244 -11.56 7.98 -9.86
N ASN A 245 -12.54 8.88 -9.67
CA ASN A 245 -12.85 9.88 -10.69
C ASN A 245 -11.65 10.74 -11.03
N ASP A 246 -10.95 11.25 -10.03
CA ASP A 246 -9.76 12.06 -10.31
C ASP A 246 -8.50 11.22 -10.40
N GLU A 247 -8.64 9.89 -10.35
CA GLU A 247 -7.54 8.94 -10.52
C GLU A 247 -6.47 9.11 -9.45
N MET A 248 -6.89 9.59 -8.27
CA MET A 248 -5.99 9.66 -7.12
C MET A 248 -6.07 8.44 -6.23
N VAL A 249 -7.16 7.69 -6.27
CA VAL A 249 -7.23 6.38 -5.64
C VAL A 249 -7.01 5.35 -6.73
N LEU A 250 -5.92 4.59 -6.61
CA LEU A 250 -5.47 3.67 -7.64
C LEU A 250 -5.30 2.29 -7.03
N LEU A 251 -6.01 1.31 -7.59
CA LEU A 251 -6.06 -0.04 -7.04
C LEU A 251 -5.75 -1.03 -8.16
N PRO A 252 -4.48 -1.27 -8.44
CA PRO A 252 -4.11 -2.36 -9.34
C PRO A 252 -4.41 -3.72 -8.73
N ILE A 253 -4.70 -4.68 -9.61
CA ILE A 253 -4.95 -6.06 -9.23
C ILE A 253 -4.19 -6.96 -10.22
N ASN A 254 -3.53 -8.00 -9.69
CA ASN A 254 -2.79 -8.97 -10.49
C ASN A 254 -3.40 -10.36 -10.33
N GLU A 255 -3.34 -11.14 -11.39
CA GLU A 255 -3.60 -12.57 -11.32
C GLU A 255 -2.37 -13.31 -11.84
N PRO A 256 -2.16 -14.57 -11.43
CA PRO A 256 -1.04 -15.34 -11.98
C PRO A 256 -1.35 -15.82 -13.40
N VAL A 257 -0.28 -15.99 -14.17
CA VAL A 257 -0.36 -16.58 -15.51
C VAL A 257 0.39 -17.91 -15.45
N HIS A 258 -0.34 -19.01 -15.56
CA HIS A 258 0.25 -20.34 -15.51
C HIS A 258 0.66 -20.79 -16.91
N GLY A 259 1.84 -21.40 -17.01
CA GLY A 259 2.29 -21.97 -18.25
C GLY A 259 3.72 -21.66 -18.68
N THR A 260 4.43 -20.85 -17.90
CA THR A 260 5.76 -20.40 -18.26
C THR A 260 6.83 -21.25 -17.54
N LYS A 261 8.10 -20.93 -17.82
CA LYS A 261 9.21 -21.72 -17.28
C LYS A 261 9.55 -21.31 -15.86
N ARG A 262 9.76 -20.01 -15.63
CA ARG A 262 9.94 -19.49 -14.28
C ARG A 262 8.57 -19.32 -13.63
N LYS A 263 8.37 -19.99 -12.49
CA LYS A 263 7.06 -20.03 -11.86
C LYS A 263 6.53 -18.62 -11.57
N SER A 264 5.23 -18.43 -11.77
CA SER A 264 4.61 -17.13 -11.55
C SER A 264 4.79 -16.68 -10.11
N GLN A 265 5.40 -15.51 -9.93
CA GLN A 265 5.59 -14.95 -8.61
C GLN A 265 4.26 -14.66 -7.93
N ILE A 266 3.21 -14.39 -8.70
CA ILE A 266 1.88 -14.17 -8.12
C ILE A 266 1.37 -15.46 -7.50
N GLN A 267 1.59 -16.60 -8.18
CA GLN A 267 1.19 -17.89 -7.62
C GLN A 267 1.95 -18.18 -6.34
N THR A 268 3.27 -17.95 -6.34
CA THR A 268 4.05 -18.12 -5.11
C THR A 268 3.48 -17.28 -3.97
N TYR A 269 3.10 -16.04 -4.27
CA TYR A 269 2.44 -15.20 -3.27
C TYR A 269 1.20 -15.89 -2.72
N LEU A 270 0.31 -16.34 -3.60
CA LEU A 270 -0.96 -16.91 -3.14
C LEU A 270 -0.71 -18.15 -2.28
N GLU A 271 0.30 -18.94 -2.62
CA GLU A 271 0.60 -20.12 -1.80
C GLU A 271 1.07 -19.72 -0.41
N HIS A 272 2.01 -18.77 -0.33
CA HIS A 272 2.57 -18.43 0.98
C HIS A 272 1.59 -17.60 1.82
N ASN A 273 0.72 -16.84 1.17
CA ASN A 273 -0.26 -16.00 1.86
C ASN A 273 -1.54 -16.73 2.23
N GLU A 274 -1.69 -17.99 1.82
CA GLU A 274 -2.97 -18.68 1.89
C GLU A 274 -4.07 -17.88 1.18
N GLY A 275 -3.80 -17.48 -0.05
CA GLY A 275 -4.83 -16.90 -0.88
C GLY A 275 -4.60 -15.43 -1.17
N ALA A 276 -5.64 -14.81 -1.74
CA ALA A 276 -5.56 -13.44 -2.18
C ALA A 276 -5.19 -12.51 -1.03
N GLY A 277 -4.56 -11.40 -1.36
CA GLY A 277 -4.21 -10.41 -0.35
C GLY A 277 -3.47 -9.26 -0.98
N LEU A 278 -3.08 -8.31 -0.13
CA LEU A 278 -2.40 -7.13 -0.62
C LEU A 278 -0.94 -7.47 -0.94
N GLN A 279 -0.53 -7.17 -2.17
CA GLN A 279 0.81 -7.49 -2.65
C GLN A 279 1.80 -6.37 -2.34
N HIS A 280 1.52 -5.15 -2.78
CA HIS A 280 2.45 -4.09 -2.42
C HIS A 280 1.74 -2.75 -2.22
N LEU A 281 2.38 -1.94 -1.38
CA LEU A 281 2.01 -0.56 -1.13
C LEU A 281 3.06 0.32 -1.78
N ALA A 282 2.64 1.22 -2.65
CA ALA A 282 3.57 2.14 -3.29
C ALA A 282 3.48 3.50 -2.62
N LEU A 283 4.60 3.95 -2.08
CA LEU A 283 4.67 5.16 -1.26
C LEU A 283 5.36 6.23 -2.07
N MET A 284 4.65 7.33 -2.33
CA MET A 284 5.24 8.45 -3.05
C MET A 284 6.20 9.22 -2.14
N SER A 285 7.38 9.50 -2.67
CA SER A 285 8.35 10.35 -2.01
C SER A 285 8.45 11.69 -2.73
N GLU A 286 8.67 12.76 -1.96
CA GLU A 286 8.96 14.05 -2.61
C GLU A 286 10.41 14.20 -2.98
N ASP A 287 11.23 13.19 -2.68
CA ASP A 287 12.64 13.22 -3.03
C ASP A 287 13.18 11.80 -2.94
N ILE A 288 12.96 11.02 -4.01
CA ILE A 288 13.22 9.58 -3.93
C ILE A 288 14.70 9.33 -3.68
N PHE A 289 15.58 10.25 -4.12
CA PHE A 289 17.00 10.08 -3.84
C PHE A 289 17.26 10.13 -2.34
N ARG A 290 16.68 11.12 -1.65
CA ARG A 290 16.89 11.21 -0.21
C ARG A 290 16.25 10.04 0.51
N THR A 291 15.04 9.64 0.09
CA THR A 291 14.39 8.52 0.75
C THR A 291 15.23 7.25 0.65
N LEU A 292 15.78 6.98 -0.53
CA LEU A 292 16.53 5.74 -0.69
C LEU A 292 17.88 5.81 0.01
N ARG A 293 18.53 6.98 0.02
CA ARG A 293 19.75 7.10 0.80
C ARG A 293 19.47 6.75 2.25
N GLU A 294 18.40 7.32 2.80
CA GLU A 294 18.08 7.12 4.21
C GLU A 294 17.65 5.69 4.48
N MET A 295 16.81 5.11 3.62
CA MET A 295 16.36 3.74 3.88
C MET A 295 17.50 2.74 3.72
N ARG A 296 18.36 2.96 2.72
CA ARG A 296 19.44 1.99 2.50
C ARG A 296 20.47 2.03 3.61
N LYS A 297 20.71 3.21 4.21
CA LYS A 297 21.61 3.31 5.35
C LYS A 297 21.12 2.46 6.52
N ARG A 298 19.82 2.18 6.58
CA ARG A 298 19.22 1.50 7.72
C ARG A 298 18.84 0.06 7.43
N SER A 299 19.07 -0.42 6.21
CA SER A 299 18.64 -1.78 5.84
C SER A 299 19.13 -2.84 6.82
N SER A 300 20.39 -2.77 7.21
CA SER A 300 21.00 -3.79 8.04
C SER A 300 21.04 -3.43 9.52
N ILE A 301 20.38 -2.34 9.91
CA ILE A 301 20.29 -1.97 11.32
C ILE A 301 18.84 -1.77 11.67
N GLY A 302 17.99 -2.68 11.21
CA GLY A 302 16.61 -2.74 11.64
C GLY A 302 15.61 -2.31 10.60
N GLY A 303 16.05 -1.74 9.49
CA GLY A 303 15.18 -1.21 8.45
C GLY A 303 14.75 -2.24 7.42
N PHE A 304 14.58 -1.80 6.17
CA PHE A 304 14.09 -2.63 5.08
C PHE A 304 15.20 -2.87 4.06
N ASP A 305 15.24 -4.08 3.53
CA ASP A 305 16.16 -4.45 2.45
C ASP A 305 15.52 -4.14 1.12
N PHE A 306 16.35 -3.95 0.10
CA PHE A 306 15.86 -3.68 -1.25
C PHE A 306 16.21 -4.84 -2.17
N MET A 307 15.40 -4.99 -3.21
CA MET A 307 15.69 -5.92 -4.29
C MET A 307 17.06 -5.64 -4.88
N PRO A 308 17.77 -6.66 -5.36
CA PRO A 308 19.08 -6.42 -5.97
C PRO A 308 18.98 -5.43 -7.12
N SER A 309 20.02 -4.59 -7.24
CA SER A 309 19.97 -3.51 -8.22
C SER A 309 20.14 -4.06 -9.64
N PRO A 310 19.61 -3.36 -10.63
CA PRO A 310 19.82 -3.78 -12.02
C PRO A 310 21.27 -3.58 -12.43
N PRO A 311 21.70 -4.23 -13.52
CA PRO A 311 23.12 -4.19 -13.89
C PRO A 311 23.48 -2.84 -14.48
N PRO A 312 24.77 -2.54 -14.64
CA PRO A 312 25.14 -1.25 -15.23
C PRO A 312 24.58 -1.06 -16.63
N THR A 313 24.26 -2.15 -17.33
CA THR A 313 23.66 -2.04 -18.66
C THR A 313 22.28 -1.40 -18.59
N TYR A 314 21.52 -1.67 -17.53
CA TYR A 314 20.22 -1.03 -17.37
C TYR A 314 20.36 0.49 -17.34
N TYR A 315 21.38 0.98 -16.63
CA TYR A 315 21.58 2.42 -16.52
C TYR A 315 22.23 2.99 -17.77
N GLN A 316 23.05 2.20 -18.46
CA GLN A 316 23.48 2.60 -19.79
C GLN A 316 22.28 2.77 -20.73
N ASN A 317 21.32 1.85 -20.65
CA ASN A 317 20.13 1.97 -21.48
C ASN A 317 19.21 3.10 -21.04
N LEU A 318 19.36 3.58 -19.80
CA LEU A 318 18.51 4.67 -19.33
C LEU A 318 18.77 5.94 -20.14
N LYS A 319 20.03 6.20 -20.50
CA LYS A 319 20.36 7.39 -21.26
C LYS A 319 19.54 7.49 -22.53
N LYS A 320 19.42 6.39 -23.27
CA LYS A 320 18.65 6.38 -24.50
C LYS A 320 17.16 6.49 -24.25
N ARG A 321 16.68 6.10 -23.07
CA ARG A 321 15.25 6.09 -22.82
C ARG A 321 14.75 7.37 -22.15
N VAL A 322 15.53 7.95 -21.25
CA VAL A 322 15.06 9.07 -20.44
C VAL A 322 16.12 10.16 -20.35
N GLY A 323 17.07 10.17 -21.29
CA GLY A 323 18.11 11.19 -21.30
C GLY A 323 17.59 12.60 -21.43
N ASP A 324 16.37 12.76 -21.92
CA ASP A 324 15.73 14.07 -22.02
C ASP A 324 15.05 14.50 -20.74
N VAL A 325 14.75 13.57 -19.84
CA VAL A 325 14.11 13.87 -18.57
C VAL A 325 15.13 13.93 -17.43
N LEU A 326 16.11 13.03 -17.44
CA LEU A 326 17.11 12.93 -16.38
C LEU A 326 18.48 13.22 -16.96
N SER A 327 19.22 14.10 -16.30
CA SER A 327 20.60 14.35 -16.69
C SER A 327 21.45 13.11 -16.42
N ASP A 328 22.66 13.11 -17.02
CA ASP A 328 23.60 12.03 -16.76
C ASP A 328 23.86 11.85 -15.28
N ASP A 329 24.02 12.95 -14.54
CA ASP A 329 24.27 12.87 -13.11
C ASP A 329 23.08 12.27 -12.37
N GLN A 330 21.86 12.70 -12.74
CA GLN A 330 20.66 12.15 -12.12
C GLN A 330 20.52 10.67 -12.45
N ILE A 331 20.91 10.27 -13.66
CA ILE A 331 20.91 8.85 -14.01
C ILE A 331 21.95 8.09 -13.18
N LYS A 332 23.12 8.69 -12.97
CA LYS A 332 24.11 8.02 -12.15
C LYS A 332 23.68 7.93 -10.70
N GLU A 333 22.88 8.89 -10.22
CA GLU A 333 22.35 8.79 -8.86
C GLU A 333 21.33 7.66 -8.76
N CYS A 334 20.49 7.51 -9.78
CA CYS A 334 19.62 6.34 -9.85
C CYS A 334 20.44 5.06 -9.77
N GLU A 335 21.56 5.01 -10.49
CA GLU A 335 22.38 3.81 -10.47
C GLU A 335 22.97 3.55 -9.09
N GLU A 336 23.47 4.61 -8.42
CA GLU A 336 23.99 4.47 -7.07
C GLU A 336 22.96 3.86 -6.12
N LEU A 337 21.68 4.19 -6.30
CA LEU A 337 20.65 3.79 -5.35
C LEU A 337 19.82 2.62 -5.84
N GLY A 338 20.07 2.08 -7.02
CA GLY A 338 19.31 0.96 -7.53
C GLY A 338 17.92 1.29 -8.03
N ILE A 339 17.65 2.55 -8.35
CA ILE A 339 16.33 3.01 -8.74
C ILE A 339 16.04 2.62 -10.18
N LEU A 340 14.81 2.15 -10.41
CA LEU A 340 14.28 1.84 -11.74
C LEU A 340 13.55 3.04 -12.31
N VAL A 341 13.50 3.13 -13.64
CA VAL A 341 12.86 4.24 -14.32
C VAL A 341 12.01 3.68 -15.44
N ASP A 342 10.77 4.15 -15.56
CA ASP A 342 9.92 3.83 -16.70
C ASP A 342 9.23 5.10 -17.18
N ARG A 343 8.68 5.03 -18.38
CA ARG A 343 8.15 6.23 -19.01
C ARG A 343 6.86 5.89 -19.75
N ASP A 344 5.92 6.82 -19.72
CA ASP A 344 4.66 6.79 -20.44
C ASP A 344 4.74 7.66 -21.68
N ASP A 345 3.60 7.88 -22.31
CA ASP A 345 3.47 8.97 -23.26
C ASP A 345 3.26 10.31 -22.57
N GLN A 346 2.94 10.31 -21.27
CA GLN A 346 2.66 11.53 -20.53
C GLN A 346 3.63 11.80 -19.40
N GLY A 347 4.29 10.78 -18.85
CA GLY A 347 5.12 11.01 -17.68
C GLY A 347 6.21 9.98 -17.52
N THR A 348 7.06 10.24 -16.51
CA THR A 348 8.19 9.39 -16.16
C THR A 348 8.08 9.01 -14.68
N LEU A 349 8.48 7.78 -14.37
CA LEU A 349 8.34 7.20 -13.05
C LEU A 349 9.70 6.70 -12.56
N LEU A 350 10.05 7.05 -11.33
CA LEU A 350 11.19 6.47 -10.62
C LEU A 350 10.63 5.54 -9.55
N GLN A 351 11.15 4.31 -9.47
CA GLN A 351 10.58 3.33 -8.56
C GLN A 351 11.66 2.36 -8.08
N ILE A 352 11.41 1.77 -6.91
CA ILE A 352 12.27 0.73 -6.39
C ILE A 352 11.45 -0.08 -5.40
N PHE A 353 11.82 -1.33 -5.22
CA PHE A 353 11.03 -2.27 -4.42
C PHE A 353 11.83 -2.85 -3.27
N THR A 354 11.17 -2.99 -2.12
CA THR A 354 11.80 -3.67 -0.99
C THR A 354 11.67 -5.18 -1.16
N LYS A 355 12.50 -5.88 -0.39
CA LYS A 355 12.26 -7.28 -0.10
C LYS A 355 11.01 -7.38 0.78
N PRO A 356 10.46 -8.57 0.96
CA PRO A 356 9.23 -8.71 1.76
C PRO A 356 9.37 -8.10 3.16
N LEU A 357 8.26 -7.53 3.63
CA LEU A 357 8.27 -6.79 4.89
C LEU A 357 8.39 -7.69 6.10
N GLY A 358 8.02 -8.96 5.97
CA GLY A 358 8.02 -9.87 7.10
C GLY A 358 8.53 -11.24 6.72
N ASP A 359 8.15 -12.25 7.50
CA ASP A 359 8.71 -13.59 7.32
C ASP A 359 8.34 -14.19 5.98
N ARG A 360 7.12 -13.96 5.52
CA ARG A 360 6.67 -14.65 4.31
C ARG A 360 6.99 -13.84 3.06
N PRO A 361 7.24 -14.51 1.93
CA PRO A 361 7.46 -13.81 0.64
C PRO A 361 6.15 -13.33 0.05
N THR A 362 5.53 -12.37 0.74
CA THR A 362 4.19 -11.92 0.38
C THR A 362 4.26 -10.41 0.16
N ILE A 363 3.86 -9.60 1.15
CA ILE A 363 3.76 -8.16 0.94
C ILE A 363 5.14 -7.52 0.90
N PHE A 364 5.28 -6.51 0.03
CA PHE A 364 6.48 -5.67 -0.04
C PHE A 364 6.07 -4.23 -0.26
N ILE A 365 7.05 -3.33 -0.25
CA ILE A 365 6.81 -1.91 -0.44
C ILE A 365 7.53 -1.44 -1.70
N GLU A 366 6.92 -0.46 -2.36
CA GLU A 366 7.52 0.24 -3.49
C GLU A 366 7.65 1.70 -3.09
N ILE A 367 8.81 2.29 -3.37
CA ILE A 367 8.96 3.74 -3.25
C ILE A 367 8.91 4.30 -4.66
N ILE A 368 8.16 5.38 -4.86
CA ILE A 368 7.93 5.91 -6.20
C ILE A 368 7.97 7.43 -6.18
N GLN A 369 8.40 8.03 -7.29
CA GLN A 369 8.24 9.45 -7.52
C GLN A 369 7.97 9.65 -9.00
N ARG A 370 7.05 10.56 -9.31
CA ARG A 370 6.56 10.74 -10.68
C ARG A 370 6.92 12.13 -11.17
N VAL A 371 7.26 12.25 -12.44
CA VAL A 371 7.61 13.55 -13.02
C VAL A 371 6.79 13.75 -14.30
N GLY A 372 6.17 14.92 -14.41
CA GLY A 372 5.34 15.25 -15.56
C GLY A 372 3.87 15.39 -15.20
N CYS A 373 3.03 15.39 -16.23
CA CYS A 373 1.58 15.45 -16.09
C CYS A 373 1.16 16.59 -15.15
N MET A 374 1.75 17.75 -15.35
CA MET A 374 1.41 18.91 -14.53
C MET A 374 0.20 19.62 -15.12
N MET A 375 -0.74 19.99 -14.24
CA MET A 375 -1.94 20.70 -14.65
C MET A 375 -2.12 21.95 -13.81
N TYR A 383 -1.09 21.02 -9.99
CA TYR A 383 -1.10 19.69 -9.42
C TYR A 383 -0.55 18.68 -10.42
N GLN A 384 -0.18 17.50 -9.93
CA GLN A 384 0.23 16.39 -10.78
C GLN A 384 -0.92 15.41 -10.89
N SER A 385 -1.26 15.04 -12.12
CA SER A 385 -2.35 14.09 -12.30
C SER A 385 -1.96 12.72 -11.75
N GLY A 386 -2.96 11.95 -11.34
CA GLY A 386 -2.71 10.68 -10.72
C GLY A 386 -2.16 9.65 -11.70
N GLY A 387 -1.26 8.80 -11.20
CA GLY A 387 -0.73 7.75 -12.02
C GLY A 387 0.20 8.21 -13.12
N CYS A 388 0.74 9.42 -13.01
CA CYS A 388 1.61 9.98 -14.04
C CYS A 388 2.82 9.10 -14.34
N GLY A 389 2.89 8.55 -15.55
CA GLY A 389 3.98 7.68 -15.94
C GLY A 389 3.66 6.21 -15.87
N GLY A 390 2.52 5.85 -15.30
CA GLY A 390 2.11 4.46 -15.26
C GLY A 390 2.53 3.74 -14.01
N PHE A 391 2.81 2.44 -14.10
CA PHE A 391 3.13 1.65 -12.93
C PHE A 391 4.45 0.88 -13.10
N GLY A 392 5.19 1.14 -14.17
CA GLY A 392 6.46 0.50 -14.38
C GLY A 392 6.41 -0.80 -15.12
N LYS A 393 5.32 -1.09 -15.84
CA LYS A 393 5.21 -2.33 -16.58
C LYS A 393 6.34 -2.49 -17.60
N GLY A 394 6.82 -1.37 -18.15
CA GLY A 394 7.92 -1.44 -19.10
C GLY A 394 9.21 -1.95 -18.51
N ASN A 395 9.32 -1.98 -17.17
CA ASN A 395 10.56 -2.43 -16.56
C ASN A 395 10.69 -3.95 -16.53
N PHE A 396 9.59 -4.69 -16.69
CA PHE A 396 9.70 -6.12 -16.88
C PHE A 396 10.56 -6.44 -18.09
N SER A 397 10.29 -5.79 -19.22
CA SER A 397 11.08 -6.00 -20.43
C SER A 397 12.48 -5.41 -20.28
N GLU A 398 12.56 -4.18 -19.78
CA GLU A 398 13.85 -3.49 -19.71
C GLU A 398 14.80 -4.21 -18.77
N LEU A 399 14.28 -4.74 -17.65
CA LEU A 399 15.14 -5.50 -16.75
C LEU A 399 15.64 -6.77 -17.41
N PHE A 400 14.73 -7.57 -17.99
CA PHE A 400 15.13 -8.79 -18.67
C PHE A 400 16.17 -8.49 -19.75
N LYS A 401 15.91 -7.49 -20.59
CA LYS A 401 16.85 -7.09 -21.62
C LYS A 401 18.22 -6.77 -21.03
N SER A 402 18.24 -5.94 -19.97
CA SER A 402 19.51 -5.46 -19.42
C SER A 402 20.30 -6.58 -18.76
N ILE A 403 19.62 -7.54 -18.13
CA ILE A 403 20.33 -8.68 -17.55
C ILE A 403 20.99 -9.48 -18.66
N GLU A 404 20.24 -9.76 -19.73
CA GLU A 404 20.78 -10.51 -20.87
C GLU A 404 22.03 -9.82 -21.42
N GLU A 405 21.95 -8.51 -21.63
CA GLU A 405 23.11 -7.77 -22.12
C GLU A 405 24.28 -7.87 -21.16
N TYR A 406 24.00 -7.80 -19.85
CA TYR A 406 25.09 -7.81 -18.87
C TYR A 406 25.81 -9.15 -18.83
N GLU A 407 25.04 -10.25 -18.81
CA GLU A 407 25.66 -11.57 -18.82
C GLU A 407 26.47 -11.80 -20.09
N LYS A 408 25.96 -11.31 -21.23
CA LYS A 408 26.71 -11.43 -22.48
C LYS A 408 27.98 -10.60 -22.45
N THR A 409 27.92 -9.40 -21.86
CA THR A 409 29.12 -8.58 -21.70
C THR A 409 30.15 -9.30 -20.86
N LEU A 410 29.73 -9.86 -19.72
CA LEU A 410 30.65 -10.54 -18.81
C LEU A 410 31.29 -11.75 -19.48
N GLU A 411 30.48 -12.59 -20.12
CA GLU A 411 31.02 -13.76 -20.79
C GLU A 411 31.98 -13.38 -21.90
N ALA A 412 31.65 -12.32 -22.65
CA ALA A 412 32.48 -11.92 -23.78
C ALA A 412 33.79 -11.27 -23.35
N LYS A 413 33.88 -10.76 -22.13
CA LYS A 413 35.08 -10.07 -21.68
C LYS A 413 36.03 -11.00 -20.91
CO CO B . 3.46 -0.55 -8.14
C22 9P5 C . 10.25 -9.48 -9.42
C10 9P5 C . 6.36 -4.42 -9.88
C11 9P5 C . 4.41 -2.93 -9.88
C21 9P5 C . 10.87 -9.79 -8.02
C12 9P5 C . 3.22 -2.92 -10.87
C13 9P5 C . 2.05 -1.96 -10.55
C14 9P5 C . 0.67 -2.55 -10.87
C15 9P5 C . 0.74 -3.23 -12.25
C16 9P5 C . 1.68 -4.45 -12.23
C17 9P5 C . 2.76 -4.36 -11.13
C1 9P5 C . 9.29 -8.20 -8.01
C2 9P5 C . 8.97 -6.87 -7.45
C3 9P5 C . 8.82 -5.67 -8.42
C5 9P5 C . 7.58 -4.91 -10.30
C6 9P5 C . 8.23 -4.27 -11.35
C7 9P5 C . 7.64 -3.17 -11.99
C8 9P5 C . 6.39 -2.68 -11.57
C9 9P5 C . 5.75 -3.33 -10.51
C29 9P5 C . 10.48 -6.54 -12.47
O4 9P5 C . 8.14 -6.03 -9.63
O18 9P5 C . 3.85 -5.14 -11.54
O19 9P5 C . 4.58 -1.76 -9.14
O20 9P5 C . 10.61 -8.82 -7.33
O23 9P5 C . 9.57 -8.18 -9.25
O25 9P5 C . 2.03 -1.30 -9.31
O26 9P5 C . 9.83 -4.16 -13.35
O27 9P5 C . 10.75 -4.85 -10.52
S24 9P5 C . 9.85 -4.92 -11.89
CL 9P5 C . 5.49 -5.19 -8.54
N1 BCN D . 9.29 -10.50 -3.71
C1 BCN D . 8.26 -11.52 -3.90
C2 BCN D . 7.09 -11.27 -2.96
O21 BCN D . 7.32 -10.97 -1.75
O22 BCN D . 5.89 -11.34 -3.37
C3 BCN D . 10.58 -11.01 -4.16
C4 BCN D . 11.50 -11.28 -2.96
O4 BCN D . 12.62 -11.63 -3.17
C5 BCN D . 8.97 -9.29 -4.45
C6 BCN D . 9.60 -8.09 -3.75
O6 BCN D . 9.96 -8.20 -2.61
C1 MPD E . 6.37 3.37 20.01
C2 MPD E . 5.23 2.54 20.59
O2 MPD E . 5.68 1.87 21.73
CM MPD E . 4.68 1.52 19.61
C3 MPD E . 4.17 3.60 20.84
C4 MPD E . 3.74 3.84 22.29
O4 MPD E . 4.84 4.01 23.13
C5 MPD E . 2.92 5.13 22.26
C1 MPD F . -12.20 -13.51 7.68
C2 MPD F . -11.15 -13.53 8.78
O2 MPD F . -11.64 -14.26 9.88
CM MPD F . -10.89 -12.10 9.21
C3 MPD F . -9.86 -14.14 8.22
C4 MPD F . -9.60 -15.61 8.59
O4 MPD F . -10.78 -16.29 8.93
C5 MPD F . -8.88 -16.36 7.47
#